data_4UED
#
_entry.id   4UED
#
_cell.length_a   42.110
_cell.length_b   66.580
_cell.length_c   43.050
_cell.angle_alpha   90.00
_cell.angle_beta   118.30
_cell.angle_gamma   90.00
#
_symmetry.space_group_name_H-M   'P 1 21 1'
#
loop_
_entity.id
_entity.type
_entity.pdbx_description
1 polymer 'EUKARYOTIC TRANSLATION INITIATION FACTOR 4E'
2 polymer 'EUKARYOTIC TRANSLATION FACTOR 4E-BINDING PROTEIN 1'
3 water water
#
loop_
_entity_poly.entity_id
_entity_poly.type
_entity_poly.pdbx_seq_one_letter_code
_entity_poly.pdbx_strand_id
1 'polypeptide(L)'
;GPHMKHPLQNRWALWFFKNDKSKTWQANLRLISKFDTVEDFWALYNHIQLSSNLMPGCDYSLFKDGIEPMWEDEKNKRGG
RWLITLNKQQRRSDLDRFWLETLLCLIGESFDDYSDDVCGAVVNVRAKGDKIAIWTTECENREAVTHIGRVYKERLGLPP
KIVIGYQSHADTATKSGSTTKNRFVV
;
A
2 'polypeptide(L)' GPHMTRIIYDRKFLMECRNSPVTKTPPRDLPTIPGVTS B
#
# COMPACT_ATOMS: atom_id res chain seq x y z
N PRO A 2 26.77 4.68 10.41
CA PRO A 2 26.68 6.14 10.23
C PRO A 2 25.53 6.55 9.30
N HIS A 3 24.32 6.08 9.62
CA HIS A 3 23.14 6.45 8.85
C HIS A 3 22.65 7.85 9.20
N MET A 4 22.40 8.67 8.19
CA MET A 4 21.70 9.94 8.40
C MET A 4 20.19 9.75 8.24
N LYS A 5 19.81 9.02 7.18
CA LYS A 5 18.41 8.64 7.00
C LYS A 5 18.17 7.22 7.53
N HIS A 6 16.95 6.97 8.01
CA HIS A 6 16.64 5.68 8.60
C HIS A 6 16.27 4.65 7.52
N PRO A 7 17.09 3.60 7.35
CA PRO A 7 16.83 2.63 6.28
C PRO A 7 15.66 1.72 6.58
N LEU A 8 14.95 1.31 5.53
CA LEU A 8 13.84 0.38 5.66
C LEU A 8 14.35 -1.06 5.52
N GLN A 9 13.54 -2.01 5.95
CA GLN A 9 13.83 -3.42 5.77
C GLN A 9 13.85 -3.77 4.29
N ASN A 10 12.92 -3.17 3.54
CA ASN A 10 12.78 -3.42 2.11
C ASN A 10 12.84 -2.15 1.28
N ARG A 11 13.23 -2.31 0.03
CA ARG A 11 13.09 -1.26 -0.96
C ARG A 11 11.68 -1.35 -1.54
N TRP A 12 11.02 -0.20 -1.70
CA TRP A 12 9.64 -0.18 -2.17
C TRP A 12 9.49 0.66 -3.42
N ALA A 13 8.48 0.33 -4.23
CA ALA A 13 8.15 1.07 -5.43
C ALA A 13 6.70 1.53 -5.37
N LEU A 14 6.47 2.83 -5.59
CA LEU A 14 5.12 3.37 -5.66
C LEU A 14 4.71 3.50 -7.12
N TRP A 15 3.56 2.91 -7.46
CA TRP A 15 3.02 2.93 -8.81
C TRP A 15 1.73 3.72 -8.90
N PHE A 16 1.45 4.23 -10.09
CA PHE A 16 0.16 4.85 -10.41
C PHE A 16 -0.44 4.09 -11.58
N PHE A 17 -1.76 3.90 -11.56
CA PHE A 17 -2.45 3.22 -12.66
C PHE A 17 -3.77 3.91 -12.98
N LYS A 18 -4.03 4.09 -14.27
CA LYS A 18 -5.32 4.61 -14.75
C LYS A 18 -6.03 3.56 -15.58
N ASN A 19 -7.26 3.25 -15.19
CA ASN A 19 -8.01 2.16 -15.81
C ASN A 19 -8.61 2.58 -17.16
N ASP A 20 -7.76 3.04 -18.06
CA ASP A 20 -8.18 3.43 -19.40
C ASP A 20 -8.16 2.22 -20.32
N LYS A 21 -9.35 1.69 -20.60
CA LYS A 21 -9.45 0.44 -21.35
C LYS A 21 -9.27 0.65 -22.85
N SER A 22 -8.95 1.88 -23.25
CA SER A 22 -8.65 2.18 -24.65
C SER A 22 -7.14 2.08 -24.88
N LYS A 23 -6.38 1.89 -23.81
CA LYS A 23 -4.93 1.77 -23.89
C LYS A 23 -4.47 0.41 -23.38
N THR A 24 -3.19 0.12 -23.57
CA THR A 24 -2.61 -1.12 -23.07
C THR A 24 -2.32 -0.99 -21.59
N TRP A 25 -2.20 -2.13 -20.91
CA TRP A 25 -1.91 -2.16 -19.49
C TRP A 25 -0.59 -1.46 -19.20
N GLN A 26 0.40 -1.70 -20.05
CA GLN A 26 1.72 -1.13 -19.87
C GLN A 26 1.67 0.39 -19.97
N ALA A 27 0.88 0.89 -20.93
CA ALA A 27 0.74 2.32 -21.13
C ALA A 27 0.02 3.00 -19.95
N ASN A 28 -0.82 2.23 -19.27
CA ASN A 28 -1.60 2.77 -18.16
C ASN A 28 -0.84 2.78 -16.83
N LEU A 29 0.25 2.01 -16.76
CA LEU A 29 1.04 1.88 -15.53
C LEU A 29 2.25 2.81 -15.54
N ARG A 30 2.49 3.47 -14.40
CA ARG A 30 3.63 4.37 -14.30
C ARG A 30 4.30 4.29 -12.94
N LEU A 31 5.62 4.17 -12.97
CA LEU A 31 6.40 4.20 -11.76
C LEU A 31 6.53 5.64 -11.29
N ILE A 32 6.10 5.91 -10.06
CA ILE A 32 6.23 7.23 -9.49
C ILE A 32 7.63 7.41 -8.93
N SER A 33 8.06 6.44 -8.12
CA SER A 33 9.43 6.43 -7.61
CA SER A 33 9.41 6.47 -7.54
C SER A 33 9.67 5.22 -6.71
N LYS A 34 10.95 4.98 -6.42
CA LYS A 34 11.35 3.94 -5.49
C LYS A 34 11.99 4.63 -4.29
N PHE A 35 11.94 3.99 -3.12
CA PHE A 35 12.58 4.56 -1.93
C PHE A 35 12.99 3.45 -1.00
N ASP A 36 13.95 3.74 -0.13
CA ASP A 36 14.39 2.73 0.82
C ASP A 36 14.76 3.31 2.19
N THR A 37 14.29 4.54 2.46
CA THR A 37 14.40 5.10 3.81
C THR A 37 13.09 5.76 4.27
N VAL A 38 12.97 5.97 5.58
CA VAL A 38 11.78 6.60 6.13
C VAL A 38 11.62 8.03 5.61
N GLU A 39 12.73 8.77 5.61
CA GLU A 39 12.68 10.16 5.20
C GLU A 39 12.36 10.31 3.72
N ASP A 40 12.83 9.38 2.89
CA ASP A 40 12.56 9.43 1.46
C ASP A 40 11.10 9.03 1.16
N PHE A 41 10.52 8.18 2.01
CA PHE A 41 9.10 7.88 1.91
C PHE A 41 8.26 9.14 2.10
N TRP A 42 8.57 9.91 3.14
CA TRP A 42 7.80 11.11 3.43
C TRP A 42 8.00 12.16 2.35
N ALA A 43 9.22 12.26 1.83
CA ALA A 43 9.51 13.23 0.78
C ALA A 43 8.63 12.96 -0.43
N LEU A 44 8.37 11.68 -0.67
CA LEU A 44 7.53 11.27 -1.77
C LEU A 44 6.05 11.52 -1.44
N TYR A 45 5.64 11.04 -0.28
CA TYR A 45 4.25 11.17 0.15
C TYR A 45 3.83 12.64 0.22
N ASN A 46 4.75 13.50 0.65
CA ASN A 46 4.42 14.91 0.84
C ASN A 46 4.28 15.69 -0.47
N HIS A 47 4.62 15.07 -1.60
CA HIS A 47 4.60 15.77 -2.88
C HIS A 47 3.81 15.04 -3.98
N ILE A 48 2.89 14.17 -3.57
CA ILE A 48 1.98 13.53 -4.51
C ILE A 48 0.53 13.72 -4.05
N GLN A 49 -0.40 13.54 -4.98
CA GLN A 49 -1.81 13.74 -4.70
C GLN A 49 -2.34 12.76 -3.65
N LEU A 50 -3.17 13.27 -2.75
CA LEU A 50 -3.88 12.41 -1.81
C LEU A 50 -4.84 11.48 -2.57
N SER A 51 -5.00 10.27 -2.05
CA SER A 51 -5.88 9.29 -2.69
C SER A 51 -7.30 9.83 -2.84
N SER A 52 -7.73 10.60 -1.85
CA SER A 52 -9.08 11.17 -1.85
C SER A 52 -9.29 12.14 -3.01
N ASN A 53 -8.18 12.63 -3.58
CA ASN A 53 -8.24 13.60 -4.67
C ASN A 53 -7.88 13.00 -6.03
N LEU A 54 -7.70 11.68 -6.07
CA LEU A 54 -7.47 11.00 -7.33
C LEU A 54 -8.76 10.97 -8.15
N MET A 55 -8.60 10.97 -9.46
CA MET A 55 -9.74 10.83 -10.35
C MET A 55 -10.26 9.40 -10.29
N PRO A 56 -11.60 9.22 -10.30
CA PRO A 56 -12.16 7.87 -10.36
C PRO A 56 -11.58 7.03 -11.49
N GLY A 57 -11.26 5.78 -11.21
CA GLY A 57 -10.65 4.90 -12.18
C GLY A 57 -9.13 4.82 -12.04
N CYS A 58 -8.58 5.50 -11.04
CA CYS A 58 -7.15 5.49 -10.81
C CYS A 58 -6.77 4.67 -9.58
N ASP A 59 -5.55 4.14 -9.58
CA ASP A 59 -5.01 3.39 -8.45
C ASP A 59 -3.67 3.96 -8.02
N TYR A 60 -3.39 3.84 -6.72
CA TYR A 60 -2.02 3.86 -6.21
C TYR A 60 -1.68 2.44 -5.75
N SER A 61 -0.42 2.04 -5.88
CA SER A 61 0.03 0.75 -5.38
CA SER A 61 0.01 0.78 -5.30
C SER A 61 1.46 0.87 -4.84
N LEU A 62 1.72 0.25 -3.70
CA LEU A 62 3.07 0.16 -3.16
C LEU A 62 3.45 -1.30 -3.08
N PHE A 63 4.48 -1.69 -3.83
CA PHE A 63 4.92 -3.09 -3.84
C PHE A 63 6.41 -3.15 -3.59
N LYS A 64 6.84 -4.25 -2.99
CA LYS A 64 8.26 -4.47 -2.79
C LYS A 64 8.94 -4.45 -4.15
N ASP A 65 10.14 -3.86 -4.19
CA ASP A 65 10.89 -3.77 -5.44
C ASP A 65 11.12 -5.18 -5.98
N GLY A 66 10.84 -5.34 -7.27
CA GLY A 66 10.98 -6.63 -7.92
C GLY A 66 9.65 -7.34 -8.11
N ILE A 67 8.62 -6.86 -7.44
CA ILE A 67 7.27 -7.39 -7.62
C ILE A 67 6.44 -6.45 -8.48
N GLU A 68 5.99 -6.95 -9.63
CA GLU A 68 5.14 -6.15 -10.50
C GLU A 68 3.75 -6.05 -9.88
N PRO A 69 3.11 -4.87 -9.98
CA PRO A 69 1.80 -4.68 -9.35
C PRO A 69 0.68 -5.34 -10.15
N MET A 70 0.77 -6.67 -10.28
CA MET A 70 -0.22 -7.45 -11.01
C MET A 70 -0.29 -8.84 -10.38
N TRP A 71 -1.46 -9.45 -10.36
CA TRP A 71 -1.60 -10.74 -9.69
C TRP A 71 -0.97 -11.85 -10.54
N GLU A 72 -0.56 -11.52 -11.76
CA GLU A 72 0.14 -12.49 -12.61
C GLU A 72 1.60 -12.67 -12.20
N ASP A 73 2.13 -11.71 -11.44
CA ASP A 73 3.50 -11.81 -10.94
C ASP A 73 3.68 -13.10 -10.15
N GLU A 74 4.89 -13.67 -10.23
CA GLU A 74 5.20 -14.92 -9.54
C GLU A 74 4.90 -14.83 -8.04
N LYS A 75 5.09 -13.65 -7.47
CA LYS A 75 4.88 -13.45 -6.04
C LYS A 75 3.41 -13.28 -5.68
N ASN A 76 2.59 -12.94 -6.67
CA ASN A 76 1.18 -12.67 -6.44
C ASN A 76 0.23 -13.77 -6.93
N LYS A 77 0.73 -14.67 -7.77
CA LYS A 77 -0.14 -15.62 -8.48
C LYS A 77 -0.91 -16.56 -7.55
N ARG A 78 -0.27 -17.04 -6.50
CA ARG A 78 -0.93 -17.96 -5.56
C ARG A 78 -1.43 -17.22 -4.32
N GLY A 79 -1.47 -15.90 -4.39
CA GLY A 79 -1.74 -15.09 -3.21
C GLY A 79 -3.16 -14.59 -3.10
N GLY A 80 -3.34 -13.59 -2.23
CA GLY A 80 -4.65 -13.01 -1.98
C GLY A 80 -4.51 -11.66 -1.35
N ARG A 81 -5.62 -11.09 -0.90
CA ARG A 81 -5.62 -9.76 -0.31
C ARG A 81 -6.60 -9.63 0.84
N TRP A 82 -6.21 -8.85 1.85
CA TRP A 82 -7.15 -8.37 2.86
C TRP A 82 -7.82 -7.13 2.31
N LEU A 83 -9.15 -7.18 2.17
CA LEU A 83 -9.88 -6.13 1.48
C LEU A 83 -10.64 -5.22 2.43
N ILE A 84 -10.42 -3.91 2.27
CA ILE A 84 -11.16 -2.89 3.00
C ILE A 84 -12.06 -2.15 2.01
N THR A 85 -13.36 -2.27 2.20
CA THR A 85 -14.34 -1.60 1.34
C THR A 85 -14.79 -0.29 1.98
N LEU A 86 -14.84 0.77 1.17
CA LEU A 86 -15.23 2.10 1.63
C LEU A 86 -16.29 2.73 0.74
N ASN A 87 -17.28 3.36 1.36
CA ASN A 87 -18.28 4.15 0.64
C ASN A 87 -17.63 5.38 0.05
N LYS A 88 -18.16 5.86 -1.08
CA LYS A 88 -17.64 7.07 -1.69
C LYS A 88 -17.73 8.24 -0.72
N GLN A 89 -18.71 8.19 0.17
CA GLN A 89 -18.89 9.24 1.16
C GLN A 89 -17.76 9.26 2.19
N GLN A 90 -17.05 8.14 2.31
CA GLN A 90 -15.92 8.04 3.24
C GLN A 90 -14.64 8.62 2.65
N ARG A 91 -14.70 9.05 1.40
CA ARG A 91 -13.49 9.42 0.66
C ARG A 91 -12.72 10.57 1.32
N ARG A 92 -13.45 11.58 1.78
CA ARG A 92 -12.81 12.75 2.37
C ARG A 92 -12.57 12.61 3.88
N SER A 93 -13.10 11.56 4.49
CA SER A 93 -12.96 11.37 5.93
C SER A 93 -12.03 10.21 6.29
N ASP A 94 -12.09 9.11 5.54
CA ASP A 94 -11.39 7.89 5.93
C ASP A 94 -10.33 7.39 4.94
N LEU A 95 -10.49 7.69 3.65
CA LEU A 95 -9.65 7.04 2.64
C LEU A 95 -8.17 7.32 2.84
N ASP A 96 -7.81 8.58 3.05
CA ASP A 96 -6.41 8.97 3.18
C ASP A 96 -5.78 8.41 4.46
N ARG A 97 -6.50 8.48 5.58
CA ARG A 97 -5.92 8.03 6.83
C ARG A 97 -5.79 6.51 6.82
N PHE A 98 -6.71 5.82 6.17
CA PHE A 98 -6.61 4.37 6.03
C PHE A 98 -5.47 3.98 5.08
N TRP A 99 -5.34 4.70 3.97
CA TRP A 99 -4.26 4.41 3.02
C TRP A 99 -2.90 4.66 3.66
N LEU A 100 -2.72 5.80 4.31
CA LEU A 100 -1.44 6.11 4.94
C LEU A 100 -1.10 5.07 6.01
N GLU A 101 -2.07 4.69 6.84
CA GLU A 101 -1.81 3.69 7.87
C GLU A 101 -1.39 2.36 7.24
N THR A 102 -1.98 2.06 6.09
CA THR A 102 -1.61 0.86 5.33
C THR A 102 -0.15 0.96 4.88
N LEU A 103 0.23 2.13 4.38
CA LEU A 103 1.59 2.33 3.93
C LEU A 103 2.56 2.17 5.09
N LEU A 104 2.19 2.68 6.26
CA LEU A 104 3.08 2.62 7.42
C LEU A 104 3.23 1.19 7.94
N CYS A 105 2.18 0.38 7.82
CA CYS A 105 2.24 -1.02 8.16
C CYS A 105 3.22 -1.76 7.26
N LEU A 106 3.24 -1.38 5.98
CA LEU A 106 4.14 -2.01 5.03
C LEU A 106 5.60 -1.64 5.29
N ILE A 107 5.93 -0.36 5.23
CA ILE A 107 7.33 0.06 5.29
C ILE A 107 7.87 -0.15 6.71
N GLY A 108 6.97 -0.21 7.69
CA GLY A 108 7.37 -0.41 9.06
C GLY A 108 7.53 -1.88 9.45
N GLU A 109 7.15 -2.78 8.53
CA GLU A 109 7.22 -4.22 8.78
C GLU A 109 6.42 -4.61 10.03
N SER A 110 5.17 -4.15 10.06
CA SER A 110 4.35 -4.22 11.28
C SER A 110 3.78 -5.60 11.61
N PHE A 111 4.08 -6.60 10.78
CA PHE A 111 3.49 -7.92 10.96
C PHE A 111 4.52 -8.96 11.42
N ASP A 112 5.51 -8.49 12.18
CA ASP A 112 6.59 -9.34 12.67
C ASP A 112 7.21 -10.12 11.50
N ASP A 113 7.36 -11.43 11.66
CA ASP A 113 8.03 -12.23 10.64
C ASP A 113 7.15 -12.43 9.41
N TYR A 114 5.83 -12.35 9.63
CA TYR A 114 4.86 -12.54 8.55
C TYR A 114 4.86 -11.39 7.56
N SER A 115 5.60 -10.32 7.87
CA SER A 115 5.74 -9.19 6.95
C SER A 115 6.42 -9.64 5.66
N ASP A 116 7.09 -10.79 5.69
CA ASP A 116 7.74 -11.32 4.50
C ASP A 116 6.72 -11.85 3.50
N ASP A 117 5.52 -12.19 3.99
CA ASP A 117 4.46 -12.67 3.12
C ASP A 117 3.76 -11.52 2.41
N VAL A 118 3.96 -10.30 2.89
CA VAL A 118 3.37 -9.13 2.27
C VAL A 118 4.06 -8.81 0.95
N CYS A 119 3.27 -8.60 -0.10
CA CYS A 119 3.80 -8.22 -1.41
C CYS A 119 3.66 -6.73 -1.62
N GLY A 120 2.53 -6.18 -1.20
CA GLY A 120 2.27 -4.77 -1.37
C GLY A 120 0.85 -4.40 -0.99
N ALA A 121 0.46 -3.16 -1.28
CA ALA A 121 -0.89 -2.69 -1.03
C ALA A 121 -1.40 -1.88 -2.21
N VAL A 122 -2.71 -1.85 -2.37
CA VAL A 122 -3.37 -1.16 -3.47
C VAL A 122 -4.54 -0.35 -2.97
N VAL A 123 -4.68 0.87 -3.46
CA VAL A 123 -5.91 1.63 -3.25
C VAL A 123 -6.55 1.92 -4.60
N ASN A 124 -7.83 1.53 -4.71
CA ASN A 124 -8.66 1.78 -5.89
C ASN A 124 -9.65 2.89 -5.61
N VAL A 125 -9.60 3.95 -6.43
CA VAL A 125 -10.61 5.01 -6.35
C VAL A 125 -11.61 4.82 -7.49
N ARG A 126 -12.87 4.62 -7.14
CA ARG A 126 -13.91 4.36 -8.14
C ARG A 126 -15.18 5.13 -7.82
N ALA A 127 -16.03 5.31 -8.82
CA ALA A 127 -17.31 5.98 -8.64
C ALA A 127 -18.22 5.18 -7.72
N LYS A 128 -18.20 3.85 -7.87
CA LYS A 128 -19.07 2.98 -7.09
C LYS A 128 -18.66 2.94 -5.61
N GLY A 129 -17.38 3.14 -5.35
CA GLY A 129 -16.85 3.07 -4.00
C GLY A 129 -15.37 2.72 -4.04
N ASP A 130 -14.66 3.04 -2.97
CA ASP A 130 -13.20 2.86 -2.95
C ASP A 130 -12.80 1.55 -2.27
N LYS A 131 -11.56 1.13 -2.49
CA LYS A 131 -11.04 -0.10 -1.92
C LYS A 131 -9.59 0.08 -1.53
N ILE A 132 -9.21 -0.45 -0.36
CA ILE A 132 -7.82 -0.55 0.03
C ILE A 132 -7.56 -2.02 0.33
N ALA A 133 -6.39 -2.51 -0.07
CA ALA A 133 -6.08 -3.91 0.16
C ALA A 133 -4.59 -4.14 0.36
N ILE A 134 -4.27 -5.06 1.28
CA ILE A 134 -2.91 -5.55 1.44
C ILE A 134 -2.79 -6.91 0.74
N TRP A 135 -1.89 -6.98 -0.23
CA TRP A 135 -1.65 -8.22 -0.96
C TRP A 135 -0.60 -9.06 -0.27
N THR A 136 -0.88 -10.36 -0.13
CA THR A 136 0.09 -11.31 0.41
C THR A 136 0.36 -12.38 -0.64
N THR A 137 1.40 -13.17 -0.43
CA THR A 137 1.96 -14.00 -1.48
C THR A 137 1.35 -15.40 -1.59
N GLU A 138 0.84 -15.92 -0.47
CA GLU A 138 0.31 -17.28 -0.42
C GLU A 138 -0.98 -17.34 0.37
N CYS A 139 -2.09 -17.57 -0.33
CA CYS A 139 -3.41 -17.56 0.29
C CYS A 139 -3.61 -18.78 1.21
N GLU A 140 -2.76 -19.78 1.09
CA GLU A 140 -2.86 -20.99 1.90
C GLU A 140 -2.15 -20.88 3.24
N ASN A 141 -1.29 -19.88 3.40
CA ASN A 141 -0.61 -19.66 4.67
CA ASN A 141 -0.60 -19.67 4.67
C ASN A 141 -1.54 -19.05 5.71
N ARG A 142 -2.43 -19.88 6.24
CA ARG A 142 -3.44 -19.45 7.22
C ARG A 142 -2.84 -18.65 8.38
N GLU A 143 -1.74 -19.14 8.94
CA GLU A 143 -1.14 -18.51 10.11
C GLU A 143 -0.66 -17.10 9.78
N ALA A 144 0.04 -16.97 8.66
CA ALA A 144 0.57 -15.68 8.25
C ALA A 144 -0.56 -14.71 7.87
N VAL A 145 -1.48 -15.20 7.06
CA VAL A 145 -2.57 -14.38 6.57
C VAL A 145 -3.44 -13.88 7.73
N THR A 146 -3.75 -14.75 8.67
CA THR A 146 -4.59 -14.40 9.79
C THR A 146 -3.93 -13.34 10.68
N HIS A 147 -2.63 -13.51 10.94
CA HIS A 147 -1.90 -12.56 11.76
C HIS A 147 -1.91 -11.18 11.12
N ILE A 148 -1.65 -11.15 9.82
CA ILE A 148 -1.64 -9.90 9.06
C ILE A 148 -3.01 -9.22 9.15
N GLY A 149 -4.07 -9.99 8.95
CA GLY A 149 -5.42 -9.46 9.02
C GLY A 149 -5.76 -8.87 10.38
N ARG A 150 -5.38 -9.56 11.44
CA ARG A 150 -5.69 -9.10 12.78
C ARG A 150 -4.96 -7.82 13.13
N VAL A 151 -3.67 -7.74 12.79
CA VAL A 151 -2.87 -6.56 13.10
C VAL A 151 -3.36 -5.37 12.26
N TYR A 152 -3.68 -5.65 11.01
CA TYR A 152 -4.16 -4.62 10.09
C TYR A 152 -5.46 -3.99 10.63
N LYS A 153 -6.42 -4.83 10.99
CA LYS A 153 -7.68 -4.37 11.55
C LYS A 153 -7.42 -3.52 12.80
N GLU A 154 -6.52 -4.02 13.63
CA GLU A 154 -6.12 -3.30 14.84
C GLU A 154 -5.54 -1.92 14.52
N ARG A 155 -4.62 -1.87 13.56
CA ARG A 155 -3.96 -0.62 13.21
C ARG A 155 -4.90 0.38 12.51
N LEU A 156 -5.93 -0.11 11.84
CA LEU A 156 -6.92 0.77 11.22
C LEU A 156 -7.89 1.33 12.25
N GLY A 157 -7.91 0.73 13.44
CA GLY A 157 -8.76 1.20 14.51
C GLY A 157 -10.22 0.80 14.31
N LEU A 158 -10.42 -0.24 13.51
CA LEU A 158 -11.76 -0.73 13.24
C LEU A 158 -12.38 -1.36 14.48
N PRO A 159 -13.65 -1.03 14.76
CA PRO A 159 -14.28 -1.74 15.87
C PRO A 159 -14.48 -3.21 15.52
N PRO A 160 -14.60 -4.08 16.53
CA PRO A 160 -14.76 -5.53 16.32
C PRO A 160 -15.85 -5.91 15.32
N LYS A 161 -16.97 -5.20 15.35
CA LYS A 161 -18.11 -5.55 14.50
C LYS A 161 -17.88 -5.24 13.02
N ILE A 162 -16.87 -4.44 12.71
CA ILE A 162 -16.48 -4.18 11.32
C ILE A 162 -15.56 -5.29 10.84
N VAL A 163 -16.15 -6.29 10.22
CA VAL A 163 -15.41 -7.48 9.79
C VAL A 163 -14.81 -7.31 8.39
N ILE A 164 -13.56 -7.75 8.24
CA ILE A 164 -12.86 -7.70 6.94
C ILE A 164 -12.51 -9.11 6.46
N GLY A 165 -12.51 -9.30 5.14
CA GLY A 165 -12.29 -10.61 4.56
C GLY A 165 -11.03 -10.70 3.71
N TYR A 166 -10.47 -11.90 3.65
CA TYR A 166 -9.33 -12.20 2.80
C TYR A 166 -9.81 -13.01 1.60
N GLN A 167 -9.48 -12.53 0.41
CA GLN A 167 -9.88 -13.17 -0.84
C GLN A 167 -8.65 -13.57 -1.64
N SER A 168 -8.57 -14.83 -2.07
CA SER A 168 -7.50 -15.25 -2.96
C SER A 168 -7.74 -14.62 -4.33
N HIS A 169 -6.65 -14.29 -5.03
CA HIS A 169 -6.73 -13.63 -6.32
C HIS A 169 -7.44 -14.50 -7.34
N ALA A 170 -7.28 -15.82 -7.21
CA ALA A 170 -7.93 -16.77 -8.11
C ALA A 170 -9.45 -16.66 -8.03
N ASP A 171 -9.97 -16.49 -6.82
CA ASP A 171 -11.41 -16.34 -6.62
C ASP A 171 -11.89 -14.95 -7.03
N THR A 172 -11.04 -13.95 -6.79
CA THR A 172 -11.39 -12.57 -7.10
C THR A 172 -11.57 -12.39 -8.60
N ALA A 173 -10.76 -13.10 -9.38
CA ALA A 173 -10.83 -13.02 -10.84
C ALA A 173 -12.12 -13.63 -11.35
N LYS A 181 -15.45 -14.68 -2.99
CA LYS A 181 -15.72 -15.18 -1.65
C LYS A 181 -14.50 -15.00 -0.74
N ASN A 182 -14.74 -15.09 0.58
CA ASN A 182 -13.68 -14.94 1.57
C ASN A 182 -13.13 -16.29 2.02
N ARG A 183 -11.81 -16.41 2.04
CA ARG A 183 -11.13 -17.57 2.60
C ARG A 183 -11.05 -17.45 4.11
N PHE A 184 -10.76 -16.23 4.56
CA PHE A 184 -10.63 -15.92 5.97
C PHE A 184 -11.35 -14.64 6.32
N VAL A 185 -11.60 -14.47 7.61
CA VAL A 185 -12.36 -13.34 8.12
C VAL A 185 -11.85 -12.97 9.52
N VAL A 186 -11.66 -11.67 9.79
CA VAL A 186 -11.27 -11.21 11.12
C VAL A 186 -12.07 -9.98 11.54
N MET B 4 21.65 -6.72 11.70
CA MET B 4 21.55 -8.13 11.38
C MET B 4 20.11 -8.64 11.58
N THR B 5 19.34 -7.93 12.38
CA THR B 5 17.94 -8.27 12.64
C THR B 5 16.99 -7.44 11.77
N ARG B 6 15.72 -7.87 11.70
CA ARG B 6 14.72 -7.20 10.89
C ARG B 6 14.47 -5.77 11.40
N ILE B 7 14.36 -4.82 10.46
CA ILE B 7 14.14 -3.42 10.80
C ILE B 7 12.65 -3.11 10.91
N ILE B 8 12.20 -2.87 12.14
CA ILE B 8 10.80 -2.55 12.43
C ILE B 8 10.65 -1.13 12.95
N TYR B 9 9.67 -0.40 12.40
CA TYR B 9 9.33 0.94 12.88
C TYR B 9 7.86 1.01 13.28
N ASP B 10 7.57 1.47 14.51
CA ASP B 10 6.19 1.66 14.91
C ASP B 10 5.68 3.00 14.36
N ARG B 11 4.37 3.22 14.46
CA ARG B 11 3.74 4.42 13.91
C ARG B 11 4.32 5.70 14.49
N LYS B 12 4.53 5.70 15.80
CA LYS B 12 5.04 6.85 16.52
C LYS B 12 6.35 7.36 15.93
N PHE B 13 7.28 6.43 15.72
CA PHE B 13 8.59 6.78 15.18
C PHE B 13 8.48 7.30 13.74
N LEU B 14 7.69 6.63 12.92
CA LEU B 14 7.56 7.02 11.52
C LEU B 14 6.95 8.42 11.40
N MET B 15 5.95 8.73 12.22
CA MET B 15 5.33 10.05 12.18
C MET B 15 6.32 11.12 12.63
N GLU B 16 7.16 10.77 13.60
CA GLU B 16 8.18 11.68 14.13
C GLU B 16 9.19 12.08 13.05
N CYS B 17 9.58 11.14 12.22
CA CYS B 17 10.57 11.38 11.17
C CYS B 17 10.09 12.41 10.14
N ARG B 18 8.78 12.59 10.05
CA ARG B 18 8.20 13.49 9.06
C ARG B 18 8.59 14.94 9.32
N ASN B 19 9.03 15.23 10.54
CA ASN B 19 9.37 16.59 10.94
C ASN B 19 10.76 17.02 10.48
N SER B 20 11.49 16.10 9.85
CA SER B 20 12.83 16.42 9.34
C SER B 20 12.71 17.28 8.07
N PRO B 21 13.52 18.35 7.98
CA PRO B 21 13.48 19.24 6.80
C PRO B 21 13.71 18.56 5.46
N VAL B 22 14.43 17.43 5.44
CA VAL B 22 14.73 16.75 4.19
C VAL B 22 13.45 16.21 3.54
N THR B 23 12.41 16.00 4.34
CA THR B 23 11.14 15.48 3.83
C THR B 23 10.36 16.55 3.07
N LYS B 24 10.78 17.81 3.22
CA LYS B 24 10.12 18.93 2.57
C LYS B 24 10.64 19.15 1.16
N THR B 25 11.69 18.43 0.80
CA THR B 25 12.28 18.53 -0.54
C THR B 25 11.70 17.45 -1.46
N PRO B 26 11.19 17.85 -2.64
CA PRO B 26 10.63 16.82 -3.52
C PRO B 26 11.69 15.85 -4.02
N PRO B 27 11.28 14.61 -4.34
CA PRO B 27 12.23 13.69 -4.99
C PRO B 27 12.78 14.31 -6.27
N ARG B 28 14.08 14.20 -6.50
CA ARG B 28 14.73 14.87 -7.63
C ARG B 28 14.18 14.40 -8.98
N ASP B 29 13.91 13.10 -9.08
CA ASP B 29 13.42 12.53 -10.33
C ASP B 29 11.91 12.28 -10.28
N LEU B 30 11.21 13.12 -9.52
CA LEU B 30 9.76 12.97 -9.40
C LEU B 30 9.10 13.27 -10.73
N PRO B 31 8.36 12.29 -11.29
CA PRO B 31 7.73 12.55 -12.59
C PRO B 31 6.67 13.62 -12.52
N THR B 32 6.38 14.23 -13.67
CA THR B 32 5.37 15.26 -13.76
C THR B 32 4.11 14.65 -14.37
N ILE B 33 3.10 14.44 -13.54
CA ILE B 33 1.86 13.78 -13.96
C ILE B 33 0.64 14.55 -13.45
N PRO B 34 -0.23 15.02 -14.37
CA PRO B 34 -1.39 15.77 -13.88
C PRO B 34 -2.31 14.93 -13.00
N GLY B 35 -2.73 15.50 -11.87
CA GLY B 35 -3.61 14.81 -10.95
C GLY B 35 -2.89 13.87 -10.00
N VAL B 36 -1.57 13.78 -10.12
CA VAL B 36 -0.76 12.95 -9.23
C VAL B 36 0.39 13.76 -8.64
N THR B 37 1.19 14.36 -9.51
CA THR B 37 2.25 15.28 -9.09
C THR B 37 2.00 16.67 -9.68
N SER B 38 1.19 16.70 -10.75
CA SER B 38 0.80 17.94 -11.42
C SER B 38 1.99 18.83 -11.77
#